data_9LF7
#
_entry.id   9LF7
#
_cell.length_a   68.657
_cell.length_b   89.603
_cell.length_c   139.592
_cell.angle_alpha   90.000
_cell.angle_beta   90.000
_cell.angle_gamma   90.000
#
_symmetry.space_group_name_H-M   'P 21 21 21'
#
loop_
_entity.id
_entity.type
_entity.pdbx_description
1 polymer Poc14_A
2 non-polymer '2-(N-MORPHOLINO)-ETHANESULFONIC ACID'
3 water water
#
_entity_poly.entity_id   1
_entity_poly.type   'polypeptide(L)'
_entity_poly.pdbx_seq_one_letter_code
;MRLAKLPALAYRSAKDTGESMTDTPYIRPDMKAFLEMMAQVNGPKLSEMSLDEARASYLAMHNLADRPARALPVIRDLSC
PGPKGEIALRLYDPRESRAGPTPVITFFHGGGFVIGDLDTHHALCTEIAALMDLPLVAVHYARAPEAPFPAAILDCEAAT
RWIASSPAELGLTASGIITIGDSAGGNATVVVGQLLAASPAAVPVVLQVPIFPLVADAVSSESMAAFSEGYLLTAETMAF
FDAAYGADRSDPRGFPILGRHDNAPPTIVVTASLDPIRDSGRAYAKALIDAGRDCVFLEMRGVTHSFTNLRQMVPSTQAD
LERVIAAMQFMLANPA
;
_entity_poly.pdbx_strand_id   A,B
#
loop_
_chem_comp.id
_chem_comp.type
_chem_comp.name
_chem_comp.formula
MES non-polymer '2-(N-MORPHOLINO)-ETHANESULFONIC ACID' 'C6 H13 N O4 S'
#
# COMPACT_ATOMS: atom_id res chain seq x y z
N THR A 24 15.16 23.07 4.01
CA THR A 24 16.06 21.94 3.78
C THR A 24 15.31 20.62 3.89
N PRO A 25 15.25 19.87 2.80
CA PRO A 25 14.53 18.58 2.83
C PRO A 25 15.22 17.63 3.80
N TYR A 26 14.40 16.81 4.46
CA TYR A 26 14.94 15.86 5.42
C TYR A 26 15.90 14.89 4.74
N ILE A 27 17.09 14.70 5.32
CA ILE A 27 18.07 13.76 4.80
C ILE A 27 18.72 13.02 5.97
N ARG A 28 18.89 11.70 5.82
CA ARG A 28 19.55 10.91 6.85
C ARG A 28 21.03 11.28 6.96
N PRO A 29 21.59 11.21 8.17
CA PRO A 29 23.04 11.50 8.31
C PRO A 29 23.93 10.65 7.42
N ASP A 30 23.66 9.34 7.27
CA ASP A 30 24.57 8.55 6.44
C ASP A 30 24.36 8.87 4.95
N MET A 31 23.14 9.18 4.55
CA MET A 31 22.89 9.63 3.18
C MET A 31 23.63 10.93 2.88
N LYS A 32 23.56 11.87 3.82
CA LYS A 32 24.20 13.17 3.62
C LYS A 32 25.71 13.03 3.49
N ALA A 33 26.31 12.18 4.33
CA ALA A 33 27.76 11.97 4.27
C ALA A 33 28.17 11.40 2.92
N PHE A 34 27.36 10.50 2.36
CA PHE A 34 27.68 9.93 1.05
C PHE A 34 27.57 10.99 -0.04
N LEU A 35 26.53 11.82 0.01
CA LEU A 35 26.42 12.89 -0.98
C LEU A 35 27.59 13.86 -0.89
N GLU A 36 28.04 14.15 0.34
CA GLU A 36 29.17 15.07 0.49
C GLU A 36 30.43 14.48 -0.12
N MET A 37 30.61 13.16 0.04
CA MET A 37 31.76 12.50 -0.58
C MET A 37 31.65 12.54 -2.10
N MET A 38 30.47 12.24 -2.65
CA MET A 38 30.32 12.26 -4.10
C MET A 38 30.49 13.65 -4.68
N ALA A 39 30.11 14.69 -3.93
CA ALA A 39 30.30 16.06 -4.40
C ALA A 39 31.78 16.40 -4.54
N GLN A 40 32.63 15.80 -3.71
CA GLN A 40 34.07 16.05 -3.81
C GLN A 40 34.69 15.34 -5.00
N VAL A 41 34.13 14.21 -5.42
CA VAL A 41 34.66 13.47 -6.57
C VAL A 41 34.59 14.34 -7.82
N ASN A 42 33.46 14.99 -8.04
CA ASN A 42 33.24 15.85 -9.20
C ASN A 42 33.60 15.13 -10.50
N GLY A 43 32.99 13.97 -10.69
CA GLY A 43 33.22 13.18 -11.87
C GLY A 43 32.64 13.85 -13.10
N PRO A 44 33.04 13.40 -14.29
CA PRO A 44 32.50 13.98 -15.52
C PRO A 44 31.05 13.60 -15.71
N LYS A 45 30.36 14.42 -16.50
CA LYS A 45 29.00 14.09 -16.88
C LYS A 45 29.00 12.86 -17.81
N LEU A 46 27.89 12.13 -17.82
CA LEU A 46 27.81 10.97 -18.69
C LEU A 46 27.95 11.37 -20.16
N SER A 47 27.45 12.55 -20.52
CA SER A 47 27.54 13.01 -21.89
C SER A 47 28.98 13.22 -22.34
N GLU A 48 29.91 13.43 -21.40
CA GLU A 48 31.33 13.66 -21.71
C GLU A 48 32.15 12.38 -21.75
N MET A 49 31.57 11.23 -21.42
CA MET A 49 32.27 9.96 -21.43
C MET A 49 31.94 9.17 -22.70
N SER A 50 32.84 8.27 -23.08
CA SER A 50 32.46 7.22 -24.01
C SER A 50 31.43 6.32 -23.34
N LEU A 51 30.65 5.61 -24.17
CA LEU A 51 29.66 4.69 -23.60
C LEU A 51 30.32 3.61 -22.75
N ASP A 52 31.45 3.07 -23.22
CA ASP A 52 32.16 2.08 -22.42
C ASP A 52 32.60 2.67 -21.08
N GLU A 53 33.09 3.91 -21.09
CA GLU A 53 33.52 4.55 -19.84
C GLU A 53 32.34 4.79 -18.91
N ALA A 54 31.22 5.27 -19.46
CA ALA A 54 30.02 5.47 -18.65
C ALA A 54 29.54 4.16 -18.05
N ARG A 55 29.52 3.10 -18.85
CA ARG A 55 29.05 1.81 -18.36
C ARG A 55 30.00 1.24 -17.31
N ALA A 56 31.31 1.45 -17.49
CA ALA A 56 32.27 0.97 -16.51
C ALA A 56 32.23 1.80 -15.23
N SER A 57 32.00 3.10 -15.37
CA SER A 57 31.90 3.98 -14.21
C SER A 57 30.74 3.58 -13.32
N TYR A 58 29.64 3.14 -13.93
CA TYR A 58 28.44 2.76 -13.17
C TYR A 58 28.70 1.48 -12.37
N LEU A 59 29.35 0.49 -12.99
CA LEU A 59 29.75 -0.69 -12.25
C LEU A 59 30.64 -0.32 -11.07
N ALA A 60 31.60 0.60 -11.30
CA ALA A 60 32.49 1.01 -10.22
C ALA A 60 31.72 1.67 -9.09
N MET A 61 30.70 2.47 -9.41
CA MET A 61 29.95 3.15 -8.36
C MET A 61 29.20 2.16 -7.48
N HIS A 62 28.59 1.14 -8.09
CA HIS A 62 27.88 0.13 -7.30
C HIS A 62 28.84 -0.76 -6.52
N ASN A 63 29.98 -1.12 -7.12
CA ASN A 63 30.99 -1.87 -6.38
C ASN A 63 31.49 -1.06 -5.18
N LEU A 64 31.57 0.26 -5.32
CA LEU A 64 32.05 1.09 -4.22
C LEU A 64 31.00 1.15 -3.10
N ALA A 65 29.75 1.45 -3.47
CA ALA A 65 28.75 1.86 -2.50
C ALA A 65 27.89 0.70 -1.98
N ASP A 66 27.80 -0.41 -2.71
CA ASP A 66 26.85 -1.46 -2.32
C ASP A 66 27.54 -2.55 -1.52
N ARG A 67 26.72 -3.32 -0.79
CA ARG A 67 27.21 -4.50 -0.11
C ARG A 67 27.73 -5.52 -1.12
N PRO A 68 28.63 -6.40 -0.70
CA PRO A 68 29.12 -7.44 -1.60
C PRO A 68 28.01 -8.45 -1.91
N ALA A 69 28.16 -9.09 -3.06
CA ALA A 69 27.23 -10.13 -3.46
C ALA A 69 27.28 -11.30 -2.47
N ARG A 70 26.12 -11.92 -2.27
CA ARG A 70 26.07 -13.14 -1.49
C ARG A 70 26.54 -14.32 -2.34
N ALA A 71 27.18 -15.28 -1.67
CA ALA A 71 27.45 -16.56 -2.32
C ALA A 71 26.15 -17.36 -2.38
N LEU A 72 25.86 -17.92 -3.55
CA LEU A 72 24.67 -18.72 -3.75
C LEU A 72 25.05 -19.99 -4.48
N PRO A 73 24.29 -21.07 -4.32
CA PRO A 73 24.59 -22.30 -5.08
C PRO A 73 24.29 -22.17 -6.55
N VAL A 74 23.38 -21.29 -6.94
CA VAL A 74 22.96 -21.15 -8.33
C VAL A 74 23.16 -19.70 -8.74
N ILE A 75 24.20 -19.43 -9.51
CA ILE A 75 24.35 -18.16 -10.22
C ILE A 75 24.84 -18.55 -11.60
N ARG A 76 23.94 -18.55 -12.58
CA ARG A 76 24.19 -19.22 -13.84
C ARG A 76 23.85 -18.31 -15.02
N ASP A 77 24.80 -18.15 -15.94
CA ASP A 77 24.55 -17.40 -17.16
C ASP A 77 23.88 -18.28 -18.20
N LEU A 78 22.89 -17.73 -18.89
CA LEU A 78 22.22 -18.43 -19.97
C LEU A 78 21.63 -17.39 -20.91
N SER A 79 20.98 -17.86 -21.97
CA SER A 79 20.38 -16.96 -22.95
C SER A 79 19.00 -17.48 -23.33
N CYS A 80 18.20 -16.60 -23.92
CA CYS A 80 16.93 -17.01 -24.48
C CYS A 80 16.72 -16.31 -25.81
N PRO A 81 15.87 -16.85 -26.67
CA PRO A 81 15.60 -16.19 -27.95
C PRO A 81 14.87 -14.88 -27.75
N GLY A 82 15.32 -13.86 -28.47
CA GLY A 82 14.67 -12.57 -28.44
C GLY A 82 14.35 -12.10 -29.85
N PRO A 83 13.70 -10.94 -29.97
CA PRO A 83 13.32 -10.45 -31.31
C PRO A 83 14.51 -10.17 -32.23
N LYS A 84 15.69 -9.88 -31.68
CA LYS A 84 16.84 -9.53 -32.50
C LYS A 84 18.01 -10.49 -32.35
N GLY A 85 17.83 -11.61 -31.68
CA GLY A 85 18.92 -12.50 -31.35
C GLY A 85 18.77 -12.98 -29.92
N GLU A 86 19.83 -13.59 -29.39
CA GLU A 86 19.73 -14.10 -28.03
C GLU A 86 19.80 -12.95 -27.04
N ILE A 87 19.04 -13.09 -25.94
CA ILE A 87 19.07 -12.16 -24.83
C ILE A 87 19.81 -12.84 -23.69
N ALA A 88 20.88 -12.22 -23.19
CA ALA A 88 21.63 -12.80 -22.09
C ALA A 88 20.87 -12.64 -20.78
N LEU A 89 20.86 -13.70 -19.98
CA LEU A 89 20.17 -13.76 -18.70
C LEU A 89 21.12 -14.30 -17.63
N ARG A 90 20.77 -14.07 -16.36
CA ARG A 90 21.51 -14.66 -15.26
C ARG A 90 20.50 -15.15 -14.23
N LEU A 91 20.59 -16.43 -13.87
CA LEU A 91 19.69 -17.04 -12.91
C LEU A 91 20.36 -17.08 -11.54
N TYR A 92 19.62 -16.66 -10.52
CA TYR A 92 20.04 -16.62 -9.13
C TYR A 92 19.10 -17.46 -8.29
N ASP A 93 19.65 -18.32 -7.43
CA ASP A 93 18.77 -19.08 -6.51
C ASP A 93 19.54 -19.43 -5.25
N PRO A 94 19.03 -19.07 -4.07
CA PRO A 94 19.73 -19.49 -2.83
C PRO A 94 19.58 -20.97 -2.53
N ARG A 95 18.66 -21.68 -3.17
CA ARG A 95 18.50 -23.11 -2.96
C ARG A 95 19.31 -23.92 -3.95
N GLU A 96 19.83 -25.07 -3.48
CA GLU A 96 20.56 -25.96 -4.37
C GLU A 96 19.65 -26.63 -5.39
N SER A 97 18.37 -26.77 -5.08
CA SER A 97 17.43 -27.34 -6.02
C SER A 97 16.05 -26.77 -5.75
N ARG A 98 15.29 -26.61 -6.82
CA ARG A 98 13.95 -26.05 -6.72
C ARG A 98 13.13 -26.58 -7.88
N ALA A 99 12.62 -27.80 -7.74
CA ALA A 99 12.01 -28.49 -8.86
C ALA A 99 10.49 -28.33 -8.93
N GLY A 100 9.83 -27.90 -7.85
CA GLY A 100 8.39 -27.77 -7.83
C GLY A 100 7.91 -26.42 -8.32
N PRO A 101 6.59 -26.27 -8.50
CA PRO A 101 6.05 -25.00 -8.98
C PRO A 101 6.41 -23.85 -8.05
N THR A 102 6.79 -22.71 -8.65
CA THR A 102 7.28 -21.58 -7.88
C THR A 102 7.02 -20.29 -8.65
N PRO A 103 6.74 -19.19 -7.96
CA PRO A 103 6.89 -17.89 -8.62
C PRO A 103 8.34 -17.70 -9.00
N VAL A 104 8.57 -16.95 -10.08
CA VAL A 104 9.92 -16.65 -10.55
C VAL A 104 10.04 -15.14 -10.65
N ILE A 105 11.06 -14.58 -9.99
CA ILE A 105 11.31 -13.15 -10.06
C ILE A 105 12.03 -12.84 -11.37
N THR A 106 11.54 -11.83 -12.11
CA THR A 106 12.18 -11.36 -13.31
C THR A 106 12.62 -9.93 -13.06
N PHE A 107 13.92 -9.69 -13.15
CA PHE A 107 14.53 -8.45 -12.68
C PHE A 107 15.06 -7.65 -13.87
N PHE A 108 14.74 -6.35 -13.88
CA PHE A 108 15.19 -5.44 -14.93
C PHE A 108 16.00 -4.32 -14.31
N HIS A 109 17.29 -4.24 -14.67
CA HIS A 109 18.19 -3.29 -14.03
C HIS A 109 17.93 -1.85 -14.48
N GLY A 110 18.38 -0.91 -13.64
CA GLY A 110 18.30 0.50 -13.95
C GLY A 110 19.50 0.95 -14.75
N GLY A 111 19.50 2.23 -15.10
CA GLY A 111 20.55 2.78 -15.95
C GLY A 111 20.06 3.64 -17.09
N GLY A 112 18.84 4.13 -17.01
CA GLY A 112 18.34 5.02 -18.05
C GLY A 112 18.08 4.38 -19.39
N PHE A 113 18.14 3.05 -19.45
CA PHE A 113 18.15 2.23 -20.66
C PHE A 113 19.44 2.39 -21.45
N VAL A 114 20.47 3.03 -20.86
CA VAL A 114 21.74 3.28 -21.52
C VAL A 114 22.88 2.52 -20.84
N ILE A 115 22.93 2.57 -19.51
CA ILE A 115 24.01 1.91 -18.77
C ILE A 115 23.41 0.81 -17.91
N GLY A 116 24.26 0.08 -17.20
CA GLY A 116 23.79 -1.05 -16.42
C GLY A 116 23.84 -2.35 -17.20
N ASP A 117 23.99 -3.45 -16.46
CA ASP A 117 24.07 -4.76 -17.08
C ASP A 117 23.89 -5.84 -16.01
N LEU A 118 24.28 -7.07 -16.31
CA LEU A 118 24.11 -8.12 -15.30
C LEU A 118 25.08 -7.95 -14.13
N ASP A 119 26.20 -7.25 -14.34
CA ASP A 119 27.17 -7.10 -13.27
C ASP A 119 26.90 -5.89 -12.38
N THR A 120 26.38 -4.80 -12.93
CA THR A 120 26.15 -3.59 -12.12
C THR A 120 25.15 -3.85 -10.99
N HIS A 121 24.17 -4.72 -11.23
CA HIS A 121 23.12 -4.99 -10.25
C HIS A 121 23.26 -6.38 -9.66
N HIS A 122 24.43 -6.99 -9.84
CA HIS A 122 24.66 -8.37 -9.42
C HIS A 122 24.46 -8.55 -7.91
N ALA A 123 25.04 -7.67 -7.09
CA ALA A 123 24.93 -7.82 -5.66
C ALA A 123 23.49 -7.69 -5.20
N LEU A 124 22.77 -6.69 -5.72
CA LEU A 124 21.35 -6.54 -5.37
C LEU A 124 20.55 -7.77 -5.75
N CYS A 125 20.85 -8.36 -6.91
CA CYS A 125 20.11 -9.56 -7.31
C CYS A 125 20.35 -10.72 -6.35
N THR A 126 21.61 -10.95 -5.94
CA THR A 126 21.82 -12.02 -4.95
C THR A 126 21.10 -11.72 -3.65
N GLU A 127 20.96 -10.44 -3.30
CA GLU A 127 20.27 -10.06 -2.06
C GLU A 127 18.77 -10.32 -2.14
N ILE A 128 18.14 -9.89 -3.23
CA ILE A 128 16.71 -10.12 -3.38
C ILE A 128 16.41 -11.61 -3.42
N ALA A 129 17.20 -12.37 -4.18
CA ALA A 129 16.97 -13.80 -4.30
C ALA A 129 17.08 -14.48 -2.94
N ALA A 130 18.11 -14.12 -2.18
CA ALA A 130 18.33 -14.74 -0.87
C ALA A 130 17.24 -14.36 0.12
N LEU A 131 16.85 -13.08 0.16
CA LEU A 131 15.88 -12.63 1.16
C LEU A 131 14.46 -13.07 0.81
N MET A 132 14.16 -13.22 -0.47
CA MET A 132 12.86 -13.76 -0.87
C MET A 132 12.81 -15.28 -0.82
N ASP A 133 13.96 -15.94 -0.83
CA ASP A 133 14.01 -17.39 -1.01
C ASP A 133 13.24 -17.81 -2.27
N LEU A 134 13.55 -17.14 -3.39
CA LEU A 134 12.90 -17.39 -4.66
C LEU A 134 13.97 -17.33 -5.76
N PRO A 135 13.74 -18.00 -6.89
CA PRO A 135 14.65 -17.84 -8.02
C PRO A 135 14.41 -16.49 -8.68
N LEU A 136 15.49 -15.92 -9.20
CA LEU A 136 15.46 -14.60 -9.82
C LEU A 136 16.24 -14.67 -11.13
N VAL A 137 15.65 -14.15 -12.21
CA VAL A 137 16.33 -14.07 -13.50
C VAL A 137 16.50 -12.59 -13.86
N ALA A 138 17.76 -12.16 -14.01
CA ALA A 138 18.08 -10.81 -14.45
C ALA A 138 18.24 -10.78 -15.96
N VAL A 139 17.80 -9.69 -16.58
CA VAL A 139 17.70 -9.57 -18.04
C VAL A 139 18.69 -8.52 -18.54
N HIS A 140 19.55 -8.91 -19.47
CA HIS A 140 20.51 -7.98 -20.11
C HIS A 140 19.89 -7.46 -21.42
N TYR A 141 18.91 -6.57 -21.27
CA TYR A 141 18.16 -6.10 -22.42
C TYR A 141 18.98 -5.16 -23.29
N ALA A 142 18.57 -5.04 -24.55
CA ALA A 142 19.25 -4.16 -25.50
C ALA A 142 19.21 -2.71 -25.00
N ARG A 143 20.37 -2.04 -25.03
CA ARG A 143 20.49 -0.70 -24.48
C ARG A 143 20.61 0.35 -25.58
N ALA A 144 20.12 1.55 -25.25
CA ALA A 144 20.34 2.76 -26.03
C ALA A 144 21.74 3.30 -25.75
N PRO A 145 22.27 4.17 -26.63
CA PRO A 145 21.69 4.68 -27.88
C PRO A 145 21.81 3.72 -29.05
N GLU A 146 22.65 2.68 -28.93
CA GLU A 146 22.83 1.75 -30.05
C GLU A 146 21.49 1.18 -30.50
N ALA A 147 20.64 0.82 -29.55
CA ALA A 147 19.29 0.31 -29.81
C ALA A 147 18.30 1.20 -29.08
N PRO A 148 17.77 2.21 -29.75
CA PRO A 148 16.85 3.15 -29.08
C PRO A 148 15.52 2.48 -28.76
N PHE A 149 14.69 3.23 -28.02
CA PHE A 149 13.30 2.87 -27.76
C PHE A 149 12.66 2.43 -29.07
N PRO A 150 11.88 1.34 -29.10
CA PRO A 150 11.44 0.51 -27.96
C PRO A 150 12.26 -0.76 -27.68
N ALA A 151 13.54 -0.78 -28.08
CA ALA A 151 14.29 -2.05 -28.08
C ALA A 151 14.36 -2.66 -26.68
N ALA A 152 14.62 -1.85 -25.65
CA ALA A 152 14.79 -2.40 -24.30
C ALA A 152 13.51 -3.09 -23.84
N ILE A 153 12.37 -2.43 -24.06
CA ILE A 153 11.07 -2.95 -23.66
C ILE A 153 10.78 -4.27 -24.33
N LEU A 154 11.08 -4.37 -25.63
CA LEU A 154 10.75 -5.58 -26.37
C LEU A 154 11.61 -6.75 -25.89
N ASP A 155 12.85 -6.49 -25.51
CA ASP A 155 13.68 -7.55 -24.93
C ASP A 155 13.15 -7.96 -23.55
N CYS A 156 12.80 -6.98 -22.71
CA CYS A 156 12.28 -7.30 -21.39
C CYS A 156 10.99 -8.12 -21.50
N GLU A 157 10.11 -7.74 -22.44
CA GLU A 157 8.89 -8.51 -22.64
C GLU A 157 9.20 -9.93 -23.12
N ALA A 158 10.07 -10.06 -24.12
CA ALA A 158 10.39 -11.38 -24.65
C ALA A 158 10.97 -12.29 -23.57
N ALA A 159 11.91 -11.79 -22.77
CA ALA A 159 12.49 -12.60 -21.71
C ALA A 159 11.44 -13.03 -20.70
N THR A 160 10.53 -12.12 -20.32
CA THR A 160 9.50 -12.46 -19.34
C THR A 160 8.57 -13.54 -19.89
N ARG A 161 8.14 -13.40 -21.15
CA ARG A 161 7.29 -14.43 -21.73
C ARG A 161 8.01 -15.77 -21.80
N TRP A 162 9.32 -15.74 -22.07
CA TRP A 162 10.07 -16.99 -22.16
C TRP A 162 10.18 -17.65 -20.78
N ILE A 163 10.54 -16.86 -19.75
CA ILE A 163 10.60 -17.38 -18.39
C ILE A 163 9.26 -17.99 -17.99
N ALA A 164 8.17 -17.28 -18.32
CA ALA A 164 6.82 -17.72 -17.94
C ALA A 164 6.43 -19.04 -18.59
N SER A 165 7.12 -19.44 -19.66
CA SER A 165 6.81 -20.68 -20.35
C SER A 165 7.47 -21.91 -19.74
N SER A 166 8.18 -21.75 -18.62
CA SER A 166 8.88 -22.85 -17.96
C SER A 166 9.81 -23.59 -18.92
N PRO A 167 10.76 -22.92 -19.55
CA PRO A 167 11.63 -23.58 -20.52
C PRO A 167 12.59 -24.54 -19.84
N ALA A 168 12.92 -25.62 -20.55
CA ALA A 168 13.75 -26.67 -19.96
C ALA A 168 15.11 -26.14 -19.55
N GLU A 169 15.67 -25.19 -20.31
CA GLU A 169 17.02 -24.73 -20.00
C GLU A 169 17.09 -23.90 -18.73
N LEU A 170 15.96 -23.35 -18.26
CA LEU A 170 15.95 -22.71 -16.95
C LEU A 170 15.79 -23.72 -15.83
N GLY A 171 15.04 -24.79 -16.06
CA GLY A 171 14.84 -25.81 -15.05
C GLY A 171 13.78 -25.50 -14.02
N LEU A 172 12.99 -24.45 -14.21
CA LEU A 172 11.98 -24.05 -13.24
C LEU A 172 10.59 -24.33 -13.78
N THR A 173 9.66 -24.66 -12.87
CA THR A 173 8.24 -24.73 -13.20
C THR A 173 7.61 -23.46 -12.62
N ALA A 174 7.35 -22.49 -13.50
CA ALA A 174 6.86 -21.19 -13.05
C ALA A 174 5.36 -21.24 -12.81
N SER A 175 4.92 -20.83 -11.62
CA SER A 175 3.49 -20.68 -11.36
C SER A 175 3.02 -19.24 -11.56
N GLY A 176 3.94 -18.30 -11.63
CA GLY A 176 3.61 -16.89 -11.83
C GLY A 176 4.92 -16.13 -11.92
N ILE A 177 4.81 -14.86 -12.33
CA ILE A 177 5.97 -13.99 -12.51
C ILE A 177 5.89 -12.85 -11.50
N ILE A 178 7.01 -12.57 -10.85
CA ILE A 178 7.17 -11.36 -10.04
C ILE A 178 8.12 -10.44 -10.81
N THR A 179 7.61 -9.31 -11.30
CA THR A 179 8.47 -8.35 -11.99
C THR A 179 9.02 -7.35 -10.99
N ILE A 180 10.28 -6.95 -11.18
CA ILE A 180 10.90 -6.00 -10.27
C ILE A 180 12.02 -5.28 -11.04
N GLY A 181 12.21 -4.01 -10.71
CA GLY A 181 13.28 -3.29 -11.38
C GLY A 181 13.44 -1.90 -10.81
N ASP A 182 14.64 -1.36 -10.88
CA ASP A 182 14.93 -0.04 -10.35
C ASP A 182 15.03 0.95 -11.49
N SER A 183 14.36 2.10 -11.33
CA SER A 183 14.56 3.24 -12.22
C SER A 183 14.05 2.94 -13.62
N ALA A 184 14.92 2.96 -14.64
CA ALA A 184 14.48 2.52 -15.97
C ALA A 184 13.95 1.10 -15.93
N GLY A 185 14.52 0.27 -15.05
CA GLY A 185 13.98 -1.06 -14.86
C GLY A 185 12.62 -1.08 -14.22
N GLY A 186 12.27 -0.03 -13.48
CA GLY A 186 10.94 0.11 -12.93
C GLY A 186 9.97 0.54 -14.01
N ASN A 187 10.45 1.37 -14.94
CA ASN A 187 9.69 1.65 -16.15
C ASN A 187 9.40 0.36 -16.91
N ALA A 188 10.43 -0.46 -17.14
CA ALA A 188 10.25 -1.71 -17.85
C ALA A 188 9.29 -2.63 -17.10
N THR A 189 9.39 -2.65 -15.77
CA THR A 189 8.47 -3.45 -14.95
C THR A 189 7.03 -3.14 -15.30
N VAL A 190 6.67 -1.85 -15.30
CA VAL A 190 5.28 -1.49 -15.53
C VAL A 190 4.87 -1.74 -16.98
N VAL A 191 5.76 -1.45 -17.93
CA VAL A 191 5.42 -1.65 -19.34
C VAL A 191 5.21 -3.14 -19.62
N VAL A 192 6.10 -3.99 -19.10
CA VAL A 192 5.97 -5.43 -19.32
C VAL A 192 4.66 -5.94 -18.71
N GLY A 193 4.32 -5.45 -17.52
CA GLY A 193 3.06 -5.84 -16.90
C GLY A 193 1.85 -5.43 -17.73
N GLN A 194 1.92 -4.28 -18.41
CA GLN A 194 0.81 -3.84 -19.22
C GLN A 194 0.71 -4.66 -20.50
N LEU A 195 1.86 -5.00 -21.08
CA LEU A 195 1.86 -5.83 -22.29
C LEU A 195 1.30 -7.22 -21.99
N LEU A 196 1.65 -7.77 -20.83
CA LEU A 196 1.15 -9.10 -20.45
C LEU A 196 -0.28 -9.05 -19.94
N ALA A 197 -0.72 -7.94 -19.34
CA ALA A 197 -2.13 -7.83 -19.00
C ALA A 197 -2.99 -7.85 -20.26
N ALA A 198 -2.51 -7.21 -21.33
CA ALA A 198 -3.27 -7.12 -22.58
C ALA A 198 -3.24 -8.44 -23.33
N SER A 199 -2.09 -9.12 -23.28
CA SER A 199 -1.85 -10.34 -24.05
C SER A 199 -1.11 -11.30 -23.14
N PRO A 200 -1.82 -12.14 -22.39
CA PRO A 200 -1.18 -12.88 -21.29
C PRO A 200 -0.07 -13.82 -21.74
N ALA A 201 0.90 -14.00 -20.85
CA ALA A 201 1.91 -15.04 -21.00
C ALA A 201 1.35 -16.33 -20.43
N ALA A 202 2.18 -17.38 -20.34
CA ALA A 202 1.68 -18.70 -19.94
C ALA A 202 1.23 -18.72 -18.48
N VAL A 203 1.79 -17.86 -17.65
CA VAL A 203 1.34 -17.67 -16.27
C VAL A 203 1.20 -16.18 -16.03
N PRO A 204 0.43 -15.80 -15.01
CA PRO A 204 0.22 -14.36 -14.75
C PRO A 204 1.38 -13.71 -14.02
N VAL A 205 1.45 -12.39 -14.19
CA VAL A 205 2.25 -11.57 -13.28
C VAL A 205 1.51 -11.52 -11.95
N VAL A 206 2.10 -12.11 -10.91
CA VAL A 206 1.44 -12.18 -9.61
C VAL A 206 1.84 -11.04 -8.69
N LEU A 207 2.86 -10.27 -9.04
CA LEU A 207 3.32 -9.13 -8.25
C LEU A 207 4.26 -8.31 -9.12
N GLN A 208 4.13 -6.98 -9.07
CA GLN A 208 5.08 -6.10 -9.73
C GLN A 208 5.62 -5.09 -8.72
N VAL A 209 6.92 -4.86 -8.77
CA VAL A 209 7.64 -4.03 -7.81
C VAL A 209 8.49 -2.98 -8.54
N PRO A 210 7.88 -1.92 -9.06
CA PRO A 210 8.69 -0.82 -9.64
C PRO A 210 9.31 0.05 -8.56
N ILE A 211 10.64 0.16 -8.58
CA ILE A 211 11.41 0.83 -7.53
C ILE A 211 12.00 2.10 -8.12
N PHE A 212 11.77 3.23 -7.42
CA PHE A 212 11.95 4.60 -7.93
C PHE A 212 11.84 4.62 -9.45
N PRO A 213 10.66 4.26 -9.99
CA PRO A 213 10.51 4.12 -11.44
C PRO A 213 10.22 5.43 -12.15
N LEU A 214 10.51 5.44 -13.45
CA LEU A 214 9.99 6.45 -14.37
C LEU A 214 8.72 5.88 -14.99
N VAL A 215 7.57 6.41 -14.57
CA VAL A 215 6.27 5.99 -15.09
C VAL A 215 5.60 7.12 -15.85
N ALA A 216 5.46 8.29 -15.22
CA ALA A 216 5.05 9.51 -15.89
C ALA A 216 6.26 10.37 -16.23
N ASP A 217 6.14 11.12 -17.32
CA ASP A 217 7.15 12.11 -17.69
C ASP A 217 7.45 13.02 -16.50
N ALA A 218 8.72 13.20 -16.18
CA ALA A 218 9.10 13.93 -14.99
C ALA A 218 9.42 15.40 -15.23
N VAL A 219 9.32 15.88 -16.48
CA VAL A 219 10.02 17.11 -16.90
C VAL A 219 9.59 18.33 -16.09
N SER A 220 8.28 18.47 -15.85
CA SER A 220 7.78 19.66 -15.18
C SER A 220 7.27 19.36 -13.77
N SER A 221 7.71 18.26 -13.17
CA SER A 221 7.23 17.90 -11.85
C SER A 221 7.89 18.76 -10.78
N GLU A 222 7.24 18.83 -9.62
CA GLU A 222 7.83 19.55 -8.50
C GLU A 222 9.09 18.88 -7.99
N SER A 223 9.13 17.55 -7.96
CA SER A 223 10.33 16.89 -7.46
C SER A 223 11.51 17.12 -8.40
N MET A 224 11.26 17.23 -9.71
CA MET A 224 12.34 17.53 -10.64
C MET A 224 12.92 18.91 -10.35
N ALA A 225 12.06 19.90 -10.08
CA ALA A 225 12.56 21.23 -9.77
C ALA A 225 13.32 21.26 -8.44
N ALA A 226 12.92 20.41 -7.48
CA ALA A 226 13.51 20.46 -6.14
C ALA A 226 14.82 19.71 -6.03
N PHE A 227 14.98 18.60 -6.77
CA PHE A 227 16.08 17.67 -6.49
C PHE A 227 16.94 17.39 -7.72
N SER A 228 16.93 18.27 -8.73
CA SER A 228 17.62 17.98 -9.98
C SER A 228 19.12 18.18 -9.91
N GLU A 229 19.66 18.75 -8.82
CA GLU A 229 21.10 18.80 -8.60
C GLU A 229 21.41 18.43 -7.15
N GLY A 230 22.55 17.76 -6.95
CA GLY A 230 23.04 17.49 -5.61
C GLY A 230 22.53 16.23 -4.96
N TYR A 231 21.69 15.44 -5.64
CA TYR A 231 21.11 14.24 -5.07
C TYR A 231 21.34 13.04 -5.97
N LEU A 232 22.53 12.96 -6.55
CA LEU A 232 23.04 11.84 -7.35
C LEU A 232 22.47 11.84 -8.76
N LEU A 233 21.16 11.69 -8.91
CA LEU A 233 20.49 11.71 -10.21
C LEU A 233 20.23 13.16 -10.60
N THR A 234 20.88 13.62 -11.66
CA THR A 234 20.86 15.03 -12.04
C THR A 234 20.02 15.27 -13.28
N ALA A 235 19.65 16.55 -13.47
CA ALA A 235 18.94 16.93 -14.69
C ALA A 235 19.77 16.63 -15.93
N GLU A 236 21.09 16.83 -15.87
CA GLU A 236 21.95 16.54 -17.00
C GLU A 236 21.93 15.05 -17.33
N THR A 237 21.97 14.20 -16.31
CA THR A 237 21.89 12.76 -16.55
C THR A 237 20.54 12.40 -17.15
N MET A 238 19.45 12.95 -16.62
CA MET A 238 18.12 12.65 -17.16
C MET A 238 18.04 13.05 -18.63
N ALA A 239 18.61 14.21 -18.98
CA ALA A 239 18.56 14.67 -20.37
C ALA A 239 19.40 13.77 -21.26
N PHE A 240 20.55 13.31 -20.75
CA PHE A 240 21.39 12.36 -21.48
C PHE A 240 20.65 11.08 -21.79
N PHE A 241 20.03 10.47 -20.76
CA PHE A 241 19.26 9.25 -20.98
C PHE A 241 18.11 9.50 -21.95
N ASP A 242 17.40 10.62 -21.76
CA ASP A 242 16.26 11.00 -22.59
C ASP A 242 16.65 11.02 -24.06
N ALA A 243 17.76 11.70 -24.40
CA ALA A 243 18.16 11.82 -25.79
C ALA A 243 18.61 10.49 -26.37
N ALA A 244 19.28 9.65 -25.56
CA ALA A 244 19.76 8.37 -26.08
C ALA A 244 18.61 7.41 -26.37
N TYR A 245 17.63 7.35 -25.45
CA TYR A 245 16.54 6.40 -25.57
C TYR A 245 15.49 6.85 -26.58
N GLY A 246 15.11 8.12 -26.56
CA GLY A 246 14.21 8.65 -27.57
C GLY A 246 12.79 8.13 -27.52
N ALA A 247 12.21 7.98 -26.33
CA ALA A 247 10.87 7.46 -26.21
C ALA A 247 9.84 8.52 -26.59
N ASP A 248 8.82 8.11 -27.33
CA ASP A 248 7.77 9.03 -27.74
C ASP A 248 6.84 9.35 -26.57
N ARG A 249 6.60 10.65 -26.37
CA ARG A 249 5.92 11.12 -25.18
C ARG A 249 4.48 10.62 -25.05
N SER A 250 3.82 10.28 -26.15
CA SER A 250 2.44 9.81 -26.07
C SER A 250 2.33 8.29 -26.16
N ASP A 251 3.44 7.57 -26.18
CA ASP A 251 3.42 6.11 -26.29
C ASP A 251 3.43 5.50 -24.90
N PRO A 252 2.41 4.73 -24.52
CA PRO A 252 2.40 4.07 -23.20
C PRO A 252 3.56 3.12 -22.98
N ARG A 253 4.20 2.62 -24.05
CA ARG A 253 5.38 1.80 -23.86
C ARG A 253 6.60 2.62 -23.47
N GLY A 254 6.56 3.94 -23.67
CA GLY A 254 7.60 4.81 -23.18
C GLY A 254 7.25 5.38 -21.81
N PHE A 255 5.99 5.76 -21.62
CA PHE A 255 5.52 6.40 -20.40
C PHE A 255 4.26 5.68 -19.95
N PRO A 256 4.42 4.63 -19.15
CA PRO A 256 3.29 3.74 -18.86
C PRO A 256 2.23 4.35 -17.95
N ILE A 257 2.40 5.59 -17.47
CA ILE A 257 1.26 6.26 -16.85
C ILE A 257 0.11 6.38 -17.86
N LEU A 258 0.43 6.34 -19.16
CA LEU A 258 -0.56 6.40 -20.22
C LEU A 258 -1.15 5.05 -20.58
N GLY A 259 -0.66 3.96 -20.00
CA GLY A 259 -1.19 2.64 -20.25
C GLY A 259 -2.42 2.34 -19.41
N ARG A 260 -2.92 1.12 -19.58
CA ARG A 260 -4.13 0.67 -18.89
C ARG A 260 -3.83 0.27 -17.44
N HIS A 261 -4.67 0.74 -16.51
CA HIS A 261 -4.44 0.46 -15.09
C HIS A 261 -5.52 -0.38 -14.43
N ASP A 262 -6.71 -0.50 -15.02
CA ASP A 262 -7.79 -1.15 -14.29
C ASP A 262 -7.65 -2.68 -14.23
N ASN A 263 -6.61 -3.26 -14.85
CA ASN A 263 -6.30 -4.67 -14.68
C ASN A 263 -4.85 -4.88 -14.24
N ALA A 264 -4.26 -3.88 -13.58
CA ALA A 264 -2.87 -3.98 -13.16
C ALA A 264 -2.69 -5.13 -12.17
N PRO A 265 -1.54 -5.80 -12.20
CA PRO A 265 -1.26 -6.85 -11.21
C PRO A 265 -1.09 -6.25 -9.82
N PRO A 266 -1.08 -7.07 -8.78
CA PRO A 266 -0.76 -6.57 -7.43
C PRO A 266 0.56 -5.83 -7.46
N THR A 267 0.61 -4.68 -6.76
CA THR A 267 1.71 -3.73 -6.97
C THR A 267 2.27 -3.22 -5.65
N ILE A 268 3.60 -3.10 -5.61
CA ILE A 268 4.32 -2.34 -4.60
C ILE A 268 5.10 -1.25 -5.34
N VAL A 269 4.75 0.01 -5.11
CA VAL A 269 5.48 1.15 -5.67
C VAL A 269 6.42 1.68 -4.59
N VAL A 270 7.72 1.79 -4.91
CA VAL A 270 8.71 2.31 -3.98
C VAL A 270 9.27 3.60 -4.57
N THR A 271 9.25 4.68 -3.79
CA THR A 271 9.89 5.92 -4.17
C THR A 271 10.92 6.31 -3.12
N ALA A 272 11.72 7.33 -3.46
CA ALA A 272 12.67 7.93 -2.54
C ALA A 272 12.34 9.41 -2.35
N SER A 273 12.42 9.90 -1.11
CA SER A 273 11.92 11.25 -0.85
C SER A 273 12.78 12.34 -1.47
N LEU A 274 14.06 12.06 -1.73
CA LEU A 274 14.99 13.05 -2.29
C LEU A 274 15.27 12.79 -3.76
N ASP A 275 14.29 12.29 -4.49
CA ASP A 275 14.49 11.83 -5.86
C ASP A 275 13.83 12.80 -6.83
N PRO A 276 14.57 13.32 -7.82
CA PRO A 276 13.91 14.21 -8.81
C PRO A 276 12.77 13.56 -9.57
N ILE A 277 12.76 12.23 -9.72
CA ILE A 277 11.63 11.56 -10.37
C ILE A 277 10.70 10.91 -9.34
N ARG A 278 10.78 11.34 -8.08
CA ARG A 278 9.86 10.84 -7.04
C ARG A 278 8.40 11.00 -7.46
N ASP A 279 8.05 12.13 -8.07
CA ASP A 279 6.64 12.36 -8.36
C ASP A 279 6.14 11.46 -9.47
N SER A 280 7.05 10.90 -10.27
CA SER A 280 6.65 9.96 -11.32
C SER A 280 6.14 8.65 -10.71
N GLY A 281 6.82 8.14 -9.68
CA GLY A 281 6.34 6.95 -9.00
C GLY A 281 5.08 7.23 -8.18
N ARG A 282 5.03 8.38 -7.52
CA ARG A 282 3.81 8.79 -6.82
C ARG A 282 2.61 8.82 -7.76
N ALA A 283 2.80 9.35 -8.97
CA ALA A 283 1.70 9.42 -9.93
C ALA A 283 1.18 8.03 -10.27
N TYR A 284 2.08 7.05 -10.38
CA TYR A 284 1.62 5.71 -10.72
C TYR A 284 0.80 5.09 -9.60
N ALA A 285 1.26 5.21 -8.35
CA ALA A 285 0.46 4.71 -7.24
C ALA A 285 -0.93 5.36 -7.22
N LYS A 286 -0.99 6.65 -7.51
CA LYS A 286 -2.29 7.31 -7.54
C LYS A 286 -3.16 6.82 -8.68
N ALA A 287 -2.55 6.52 -9.84
CA ALA A 287 -3.32 6.01 -10.97
C ALA A 287 -3.90 4.64 -10.65
N LEU A 288 -3.16 3.81 -9.92
CA LEU A 288 -3.68 2.51 -9.54
C LEU A 288 -4.87 2.66 -8.59
N ILE A 289 -4.75 3.57 -7.61
CA ILE A 289 -5.87 3.83 -6.70
C ILE A 289 -7.09 4.32 -7.48
N ASP A 290 -6.88 5.23 -8.44
CA ASP A 290 -7.96 5.71 -9.29
C ASP A 290 -8.62 4.57 -10.07
N ALA A 291 -7.90 3.48 -10.32
CA ALA A 291 -8.44 2.33 -11.02
C ALA A 291 -8.91 1.23 -10.08
N GLY A 292 -8.91 1.48 -8.77
CA GLY A 292 -9.38 0.49 -7.82
C GLY A 292 -8.47 -0.71 -7.63
N ARG A 293 -7.17 -0.53 -7.84
CA ARG A 293 -6.20 -1.63 -7.81
C ARG A 293 -5.32 -1.55 -6.57
N ASP A 294 -5.21 -2.67 -5.84
CA ASP A 294 -4.36 -2.74 -4.65
C ASP A 294 -2.97 -2.21 -4.93
N CYS A 295 -2.44 -1.43 -4.01
CA CYS A 295 -1.08 -0.92 -4.15
C CYS A 295 -0.48 -0.62 -2.79
N VAL A 296 0.69 -1.19 -2.53
CA VAL A 296 1.50 -0.80 -1.38
C VAL A 296 2.40 0.34 -1.84
N PHE A 297 2.25 1.52 -1.25
CA PHE A 297 3.09 2.67 -1.55
C PHE A 297 4.09 2.86 -0.41
N LEU A 298 5.38 2.72 -0.71
CA LEU A 298 6.45 2.97 0.26
C LEU A 298 7.33 4.09 -0.28
N GLU A 299 7.37 5.22 0.42
CA GLU A 299 8.33 6.27 0.12
C GLU A 299 9.39 6.27 1.21
N MET A 300 10.63 5.94 0.82
CA MET A 300 11.73 5.89 1.77
C MET A 300 12.19 7.32 2.08
N ARG A 301 12.08 7.67 3.35
CA ARG A 301 12.34 9.07 3.76
C ARG A 301 13.82 9.34 4.07
N GLY A 302 14.32 10.39 3.42
CA GLY A 302 15.67 10.84 3.69
C GLY A 302 16.74 10.18 2.86
N VAL A 303 16.37 9.50 1.78
CA VAL A 303 17.33 8.86 0.88
C VAL A 303 17.01 9.24 -0.56
N THR A 304 18.00 9.01 -1.42
CA THR A 304 17.99 9.42 -2.83
C THR A 304 17.56 8.28 -3.75
N HIS A 305 17.38 8.63 -5.02
CA HIS A 305 17.43 7.69 -6.11
C HIS A 305 18.62 6.75 -5.95
N SER A 306 18.49 5.50 -6.40
CA SER A 306 19.53 4.47 -6.42
C SER A 306 19.82 3.88 -5.04
N PHE A 307 18.97 4.12 -4.03
CA PHE A 307 19.31 3.74 -2.66
C PHE A 307 19.47 2.22 -2.50
N THR A 308 18.83 1.43 -3.36
CA THR A 308 18.93 -0.02 -3.28
C THR A 308 20.35 -0.51 -3.53
N ASN A 309 21.20 0.31 -4.12
CA ASN A 309 22.55 -0.11 -4.45
C ASN A 309 23.60 0.67 -3.65
N LEU A 310 23.20 1.28 -2.52
CA LEU A 310 24.10 2.04 -1.66
C LEU A 310 24.23 1.41 -0.28
N ARG A 311 23.97 0.12 -0.17
CA ARG A 311 23.79 -0.52 1.16
C ARG A 311 25.06 -0.70 2.01
N GLN A 312 26.22 -0.51 1.39
CA GLN A 312 27.43 -0.55 2.21
C GLN A 312 27.76 0.84 2.76
N MET A 313 27.82 1.84 1.89
CA MET A 313 28.24 3.15 2.34
C MET A 313 27.10 3.98 2.94
N VAL A 314 25.86 3.62 2.66
CA VAL A 314 24.70 4.20 3.33
C VAL A 314 23.96 3.05 4.02
N PRO A 315 24.44 2.63 5.19
CA PRO A 315 23.97 1.36 5.75
C PRO A 315 22.48 1.32 6.03
N SER A 316 21.86 2.46 6.29
CA SER A 316 20.41 2.44 6.57
C SER A 316 19.59 2.01 5.36
N THR A 317 20.15 2.01 4.15
CA THR A 317 19.38 1.58 2.99
C THR A 317 19.17 0.07 2.95
N GLN A 318 19.98 -0.71 3.68
CA GLN A 318 19.69 -2.14 3.78
C GLN A 318 18.35 -2.37 4.48
N ALA A 319 18.07 -1.60 5.54
CA ALA A 319 16.79 -1.71 6.23
C ALA A 319 15.63 -1.31 5.32
N ASP A 320 15.85 -0.30 4.47
CA ASP A 320 14.84 0.08 3.48
C ASP A 320 14.53 -1.09 2.56
N LEU A 321 15.58 -1.71 2.01
CA LEU A 321 15.37 -2.87 1.14
C LEU A 321 14.61 -3.97 1.85
N GLU A 322 14.93 -4.21 3.12
CA GLU A 322 14.26 -5.29 3.83
C GLU A 322 12.78 -4.99 4.04
N ARG A 323 12.39 -3.72 4.13
CA ARG A 323 10.97 -3.39 4.21
C ARG A 323 10.26 -3.72 2.90
N VAL A 324 10.91 -3.47 1.75
CA VAL A 324 10.34 -3.85 0.47
C VAL A 324 10.19 -5.36 0.39
N ILE A 325 11.21 -6.10 0.82
CA ILE A 325 11.13 -7.56 0.85
C ILE A 325 9.90 -8.01 1.64
N ALA A 326 9.73 -7.42 2.84
CA ALA A 326 8.61 -7.83 3.69
C ALA A 326 7.28 -7.51 3.03
N ALA A 327 7.20 -6.39 2.31
CA ALA A 327 6.00 -6.06 1.57
C ALA A 327 5.73 -7.09 0.48
N MET A 328 6.79 -7.53 -0.21
CA MET A 328 6.63 -8.55 -1.25
C MET A 328 6.12 -9.85 -0.66
N GLN A 329 6.68 -10.26 0.48
CA GLN A 329 6.23 -11.50 1.10
C GLN A 329 4.78 -11.40 1.57
N PHE A 330 4.40 -10.23 2.11
CA PHE A 330 3.01 -10.02 2.52
C PHE A 330 2.07 -10.13 1.32
N MET A 331 2.39 -9.44 0.23
CA MET A 331 1.49 -9.47 -0.93
C MET A 331 1.37 -10.88 -1.51
N LEU A 332 2.48 -11.61 -1.64
CA LEU A 332 2.44 -12.94 -2.25
C LEU A 332 1.64 -13.92 -1.40
N ALA A 333 1.72 -13.77 -0.08
CA ALA A 333 1.05 -14.71 0.81
C ALA A 333 -0.43 -14.40 0.97
N ASN A 334 -0.86 -13.22 0.55
CA ASN A 334 -2.22 -12.74 0.81
C ASN A 334 -2.86 -12.17 -0.45
N PRO A 335 -2.97 -12.97 -1.51
CA PRO A 335 -3.56 -12.45 -2.76
C PRO A 335 -5.04 -12.17 -2.62
N ALA A 336 -5.50 -11.25 -3.46
CA ALA A 336 -6.90 -10.82 -3.49
C ALA A 336 -7.89 -11.96 -3.65
N THR B 24 -22.50 -3.80 -15.91
CA THR B 24 -22.71 -4.31 -14.55
C THR B 24 -21.39 -4.43 -13.80
N PRO B 25 -21.29 -3.76 -12.66
CA PRO B 25 -20.05 -3.83 -11.87
C PRO B 25 -19.79 -5.25 -11.40
N TYR B 26 -18.52 -5.60 -11.28
CA TYR B 26 -18.17 -6.93 -10.82
C TYR B 26 -18.65 -7.15 -9.40
N ILE B 27 -19.36 -8.26 -9.18
CA ILE B 27 -19.85 -8.63 -7.84
C ILE B 27 -19.63 -10.13 -7.64
N ARG B 28 -19.16 -10.49 -6.45
CA ARG B 28 -18.96 -11.90 -6.13
C ARG B 28 -20.30 -12.63 -6.02
N PRO B 29 -20.33 -13.93 -6.35
CA PRO B 29 -21.59 -14.66 -6.24
C PRO B 29 -22.19 -14.65 -4.85
N ASP B 30 -21.36 -14.85 -3.79
CA ASP B 30 -21.95 -14.86 -2.46
C ASP B 30 -22.41 -13.48 -2.04
N MET B 31 -21.70 -12.43 -2.47
CA MET B 31 -22.16 -11.06 -2.23
C MET B 31 -23.49 -10.80 -2.91
N LYS B 32 -23.62 -11.21 -4.17
CA LYS B 32 -24.84 -10.97 -4.92
C LYS B 32 -26.03 -11.68 -4.28
N ALA B 33 -25.82 -12.93 -3.84
CA ALA B 33 -26.91 -13.68 -3.21
C ALA B 33 -27.38 -13.00 -1.93
N PHE B 34 -26.44 -12.45 -1.15
CA PHE B 34 -26.83 -11.74 0.06
C PHE B 34 -27.65 -10.49 -0.26
N LEU B 35 -27.21 -9.72 -1.25
CA LEU B 35 -27.98 -8.53 -1.66
C LEU B 35 -29.37 -8.92 -2.14
N GLU B 36 -29.48 -10.02 -2.87
CA GLU B 36 -30.80 -10.44 -3.35
C GLU B 36 -31.69 -10.83 -2.17
N MET B 37 -31.12 -11.49 -1.17
CA MET B 37 -31.90 -11.82 0.00
C MET B 37 -32.35 -10.56 0.75
N MET B 38 -31.45 -9.58 0.88
CA MET B 38 -31.83 -8.35 1.59
C MET B 38 -32.88 -7.57 0.82
N ALA B 39 -32.89 -7.68 -0.52
CA ALA B 39 -33.90 -7.00 -1.32
C ALA B 39 -35.29 -7.61 -1.10
N GLN B 40 -35.36 -8.87 -0.67
CA GLN B 40 -36.64 -9.49 -0.42
C GLN B 40 -37.28 -9.00 0.88
N VAL B 41 -36.51 -8.43 1.80
CA VAL B 41 -37.07 -7.90 3.03
C VAL B 41 -37.95 -6.69 2.72
N ASN B 42 -39.12 -6.65 3.34
CA ASN B 42 -40.10 -5.57 3.12
C ASN B 42 -40.38 -4.91 4.47
N GLY B 43 -39.63 -3.87 4.79
CA GLY B 43 -39.77 -3.19 6.05
C GLY B 43 -39.40 -1.72 5.94
N PRO B 44 -39.33 -1.03 7.07
CA PRO B 44 -38.99 0.40 7.04
C PRO B 44 -37.51 0.63 6.74
N LYS B 45 -37.22 1.78 6.14
CA LYS B 45 -35.86 2.29 6.09
C LYS B 45 -35.48 2.87 7.46
N LEU B 46 -34.19 3.11 7.67
CA LEU B 46 -33.71 3.55 8.98
C LEU B 46 -34.38 4.85 9.42
N SER B 47 -34.55 5.80 8.49
CA SER B 47 -35.15 7.08 8.82
C SER B 47 -36.60 6.98 9.27
N GLU B 48 -37.32 5.93 8.85
CA GLU B 48 -38.72 5.77 9.21
C GLU B 48 -38.91 5.15 10.58
N MET B 49 -37.85 4.64 11.19
CA MET B 49 -37.96 4.00 12.49
C MET B 49 -37.68 5.01 13.61
N SER B 50 -38.11 4.65 14.81
CA SER B 50 -37.58 5.33 15.98
C SER B 50 -36.07 5.12 16.04
N LEU B 51 -35.39 6.02 16.75
CA LEU B 51 -33.95 5.85 16.93
C LEU B 51 -33.63 4.52 17.60
N ASP B 52 -34.40 4.15 18.64
CA ASP B 52 -34.16 2.86 19.28
C ASP B 52 -34.34 1.71 18.29
N GLU B 53 -35.38 1.78 17.47
CA GLU B 53 -35.63 0.70 16.50
C GLU B 53 -34.53 0.63 15.44
N ALA B 54 -34.08 1.78 14.95
CA ALA B 54 -32.99 1.79 13.98
C ALA B 54 -31.73 1.17 14.57
N ARG B 55 -31.43 1.50 15.82
CA ARG B 55 -30.23 0.97 16.47
C ARG B 55 -30.36 -0.54 16.70
N ALA B 56 -31.55 -1.01 17.08
CA ALA B 56 -31.75 -2.44 17.26
C ALA B 56 -31.70 -3.18 15.92
N SER B 57 -32.22 -2.57 14.86
CA SER B 57 -32.20 -3.23 13.55
C SER B 57 -30.78 -3.42 13.04
N TYR B 58 -29.90 -2.46 13.33
CA TYR B 58 -28.50 -2.58 12.92
C TYR B 58 -27.84 -3.73 13.65
N LEU B 59 -28.08 -3.86 14.96
CA LEU B 59 -27.58 -5.00 15.70
C LEU B 59 -28.08 -6.30 15.09
N ALA B 60 -29.36 -6.36 14.74
CA ALA B 60 -29.93 -7.58 14.16
C ALA B 60 -29.26 -7.91 12.83
N MET B 61 -28.98 -6.90 12.00
CA MET B 61 -28.32 -7.14 10.72
C MET B 61 -26.95 -7.76 10.92
N HIS B 62 -26.15 -7.24 11.85
CA HIS B 62 -24.82 -7.79 12.08
C HIS B 62 -24.91 -9.16 12.74
N ASN B 63 -25.85 -9.35 13.67
CA ASN B 63 -26.03 -10.68 14.25
C ASN B 63 -26.38 -11.71 13.19
N LEU B 64 -27.18 -11.32 12.20
CA LEU B 64 -27.55 -12.24 11.13
C LEU B 64 -26.38 -12.52 10.21
N ALA B 65 -25.70 -11.46 9.76
CA ALA B 65 -24.75 -11.56 8.66
C ALA B 65 -23.35 -11.96 9.09
N ASP B 66 -22.93 -11.65 10.31
CA ASP B 66 -21.54 -11.84 10.69
C ASP B 66 -21.31 -13.19 11.35
N ARG B 67 -20.05 -13.59 11.40
CA ARG B 67 -19.66 -14.80 12.11
C ARG B 67 -19.87 -14.65 13.61
N PRO B 68 -19.98 -15.76 14.34
CA PRO B 68 -20.08 -15.69 15.80
C PRO B 68 -18.85 -15.03 16.41
N ALA B 69 -19.06 -14.37 17.54
CA ALA B 69 -17.95 -13.82 18.29
C ALA B 69 -17.08 -14.95 18.82
N ARG B 70 -15.78 -14.67 18.91
CA ARG B 70 -14.85 -15.65 19.44
C ARG B 70 -14.86 -15.65 20.95
N ALA B 71 -14.58 -16.82 21.52
CA ALA B 71 -14.34 -16.93 22.95
C ALA B 71 -12.98 -16.32 23.27
N LEU B 72 -12.97 -15.32 24.14
CA LEU B 72 -11.73 -14.72 24.60
C LEU B 72 -11.74 -14.73 26.12
N PRO B 73 -10.57 -14.92 26.74
CA PRO B 73 -10.52 -14.89 28.22
C PRO B 73 -10.84 -13.53 28.81
N VAL B 74 -10.58 -12.45 28.09
CA VAL B 74 -10.84 -11.09 28.58
C VAL B 74 -11.81 -10.42 27.61
N ILE B 75 -13.04 -10.20 28.08
CA ILE B 75 -14.01 -9.32 27.43
C ILE B 75 -14.64 -8.53 28.57
N ARG B 76 -14.25 -7.27 28.74
CA ARG B 76 -14.55 -6.57 29.98
C ARG B 76 -15.08 -5.17 29.69
N ASP B 77 -16.21 -4.83 30.31
CA ASP B 77 -16.77 -3.50 30.19
C ASP B 77 -16.13 -2.57 31.21
N LEU B 78 -15.81 -1.35 30.79
CA LEU B 78 -15.28 -0.34 31.69
C LEU B 78 -15.63 1.03 31.11
N SER B 79 -15.14 2.08 31.75
CA SER B 79 -15.43 3.43 31.29
C SER B 79 -14.23 4.32 31.59
N CYS B 80 -14.19 5.46 30.91
CA CYS B 80 -13.16 6.47 31.15
C CYS B 80 -13.79 7.84 31.11
N PRO B 81 -13.14 8.85 31.70
CA PRO B 81 -13.69 10.20 31.66
C PRO B 81 -13.67 10.77 30.26
N GLY B 82 -14.72 11.49 29.92
CA GLY B 82 -14.79 12.18 28.65
C GLY B 82 -15.28 13.60 28.84
N PRO B 83 -15.38 14.35 27.73
CA PRO B 83 -15.75 15.78 27.84
C PRO B 83 -17.16 16.02 28.37
N LYS B 84 -18.08 15.06 28.24
CA LYS B 84 -19.45 15.24 28.73
C LYS B 84 -19.84 14.22 29.80
N GLY B 85 -18.90 13.46 30.32
CA GLY B 85 -19.19 12.41 31.28
C GLY B 85 -18.42 11.17 30.92
N GLU B 86 -18.82 10.05 31.50
CA GLU B 86 -18.10 8.80 31.28
C GLU B 86 -18.35 8.28 29.87
N ILE B 87 -17.31 7.71 29.26
CA ILE B 87 -17.40 7.05 27.96
C ILE B 87 -17.31 5.55 28.21
N ALA B 88 -18.32 4.81 27.77
CA ALA B 88 -18.29 3.35 27.94
C ALA B 88 -17.30 2.73 26.96
N LEU B 89 -16.53 1.75 27.45
CA LEU B 89 -15.49 1.06 26.69
C LEU B 89 -15.66 -0.45 26.87
N ARG B 90 -15.07 -1.22 25.95
CA ARG B 90 -15.01 -2.66 26.12
C ARG B 90 -13.62 -3.14 25.72
N LEU B 91 -12.97 -3.86 26.64
CA LEU B 91 -11.62 -4.39 26.44
C LEU B 91 -11.71 -5.84 25.99
N TYR B 92 -10.99 -6.17 24.91
CA TYR B 92 -10.91 -7.52 24.36
C TYR B 92 -9.46 -7.98 24.41
N ASP B 93 -9.22 -9.20 24.88
CA ASP B 93 -7.83 -9.70 24.83
C ASP B 93 -7.88 -11.22 24.70
N PRO B 94 -7.23 -11.78 23.68
CA PRO B 94 -7.19 -13.25 23.58
C PRO B 94 -6.27 -13.88 24.61
N ARG B 95 -5.48 -13.09 25.32
CA ARG B 95 -4.54 -13.62 26.30
C ARG B 95 -5.10 -13.49 27.70
N GLU B 96 -4.94 -14.57 28.47
CA GLU B 96 -5.28 -14.59 29.88
C GLU B 96 -4.52 -13.51 30.65
N SER B 97 -3.22 -13.41 30.43
CA SER B 97 -2.36 -12.46 31.10
C SER B 97 -1.51 -11.73 30.07
N ARG B 98 -1.45 -10.42 30.18
CA ARG B 98 -0.53 -9.63 29.38
C ARG B 98 0.22 -8.70 30.32
N GLY B 100 3.69 -7.07 29.89
CA GLY B 100 4.71 -6.18 29.38
C GLY B 100 4.20 -5.18 28.35
N PRO B 101 5.10 -4.34 27.83
CA PRO B 101 4.68 -3.32 26.84
C PRO B 101 4.05 -3.96 25.61
N THR B 102 3.03 -3.29 25.07
CA THR B 102 2.29 -3.81 23.93
C THR B 102 1.63 -2.65 23.19
N PRO B 103 1.53 -2.71 21.87
CA PRO B 103 0.57 -1.83 21.19
C PRO B 103 -0.83 -2.16 21.68
N VAL B 104 -1.70 -1.16 21.67
CA VAL B 104 -3.10 -1.36 22.01
C VAL B 104 -3.95 -0.87 20.86
N ILE B 105 -4.85 -1.73 20.38
CA ILE B 105 -5.78 -1.36 19.32
C ILE B 105 -6.93 -0.57 19.92
N THR B 106 -7.23 0.57 19.33
CA THR B 106 -8.39 1.37 19.71
C THR B 106 -9.35 1.35 18.52
N PHE B 107 -10.57 0.84 18.74
CA PHE B 107 -11.51 0.53 17.67
C PHE B 107 -12.71 1.47 17.76
N PHE B 108 -13.10 2.05 16.62
CA PHE B 108 -14.27 2.92 16.52
C PHE B 108 -15.28 2.33 15.56
N HIS B 109 -16.48 2.02 16.04
CA HIS B 109 -17.47 1.33 15.22
C HIS B 109 -18.10 2.27 14.19
N GLY B 110 -18.65 1.67 13.14
CA GLY B 110 -19.41 2.40 12.14
C GLY B 110 -20.88 2.56 12.54
N GLY B 111 -21.64 3.19 11.65
CA GLY B 111 -23.03 3.50 11.91
C GLY B 111 -23.37 4.95 11.65
N GLY B 112 -22.56 5.63 10.84
CA GLY B 112 -22.88 7.00 10.46
C GLY B 112 -22.84 8.03 11.56
N PHE B 113 -22.29 7.67 12.72
CA PHE B 113 -22.31 8.42 13.97
C PHE B 113 -23.72 8.48 14.58
N VAL B 114 -24.65 7.67 14.09
CA VAL B 114 -26.02 7.65 14.56
C VAL B 114 -26.37 6.30 15.20
N ILE B 115 -25.98 5.21 14.57
CA ILE B 115 -26.30 3.87 15.05
C ILE B 115 -24.99 3.14 15.34
N GLY B 116 -25.09 1.90 15.83
CA GLY B 116 -23.92 1.14 16.21
C GLY B 116 -23.54 1.37 17.66
N ASP B 117 -22.86 0.38 18.22
CA ASP B 117 -22.48 0.44 19.63
C ASP B 117 -21.47 -0.64 19.95
N LEU B 118 -21.31 -0.99 21.22
CA LEU B 118 -20.33 -2.03 21.56
C LEU B 118 -20.82 -3.41 21.13
N ASP B 119 -22.12 -3.62 21.00
CA ASP B 119 -22.63 -4.93 20.63
C ASP B 119 -22.73 -5.12 19.12
N THR B 120 -22.97 -4.06 18.34
CA THR B 120 -23.13 -4.23 16.90
C THR B 120 -21.84 -4.74 16.26
N HIS B 121 -20.69 -4.35 16.80
CA HIS B 121 -19.41 -4.71 16.24
C HIS B 121 -18.64 -5.67 17.13
N HIS B 122 -19.34 -6.31 18.08
CA HIS B 122 -18.69 -7.18 19.06
C HIS B 122 -17.96 -8.35 18.39
N ALA B 123 -18.62 -9.03 17.45
CA ALA B 123 -17.98 -10.19 16.82
C ALA B 123 -16.72 -9.79 16.09
N LEU B 124 -16.80 -8.72 15.27
CA LEU B 124 -15.61 -8.23 14.58
C LEU B 124 -14.49 -7.89 15.55
N CYS B 125 -14.81 -7.24 16.68
CA CYS B 125 -13.77 -6.88 17.63
C CYS B 125 -13.07 -8.14 18.19
N THR B 126 -13.83 -9.18 18.52
CA THR B 126 -13.19 -10.40 19.01
C THR B 126 -12.29 -10.99 17.93
N GLU B 127 -12.70 -10.87 16.67
CA GLU B 127 -11.91 -11.44 15.58
C GLU B 127 -10.61 -10.67 15.39
N ILE B 128 -10.67 -9.33 15.37
CA ILE B 128 -9.45 -8.55 15.19
C ILE B 128 -8.48 -8.81 16.35
N ALA B 129 -8.98 -8.83 17.58
CA ALA B 129 -8.10 -9.06 18.72
C ALA B 129 -7.48 -10.45 18.65
N ALA B 130 -8.27 -11.46 18.31
CA ALA B 130 -7.75 -12.81 18.24
C ALA B 130 -6.71 -12.95 17.14
N LEU B 131 -7.01 -12.43 15.94
CA LEU B 131 -6.09 -12.61 14.83
C LEU B 131 -4.83 -11.76 14.96
N MET B 132 -4.92 -10.60 15.60
CA MET B 132 -3.73 -9.80 15.86
C MET B 132 -2.96 -10.27 17.07
N ASP B 133 -3.59 -11.03 17.97
CA ASP B 133 -3.02 -11.36 19.28
C ASP B 133 -2.58 -10.08 20.00
N LEU B 134 -3.50 -9.12 20.08
CA LEU B 134 -3.28 -7.84 20.73
C LEU B 134 -4.53 -7.46 21.50
N PRO B 135 -4.39 -6.64 22.55
CA PRO B 135 -5.59 -6.12 23.24
C PRO B 135 -6.24 -5.06 22.39
N LEU B 136 -7.57 -4.98 22.50
CA LEU B 136 -8.35 -4.07 21.67
C LEU B 136 -9.39 -3.41 22.57
N VAL B 137 -9.51 -2.10 22.48
CA VAL B 137 -10.51 -1.37 23.26
C VAL B 137 -11.47 -0.70 22.29
N ALA B 138 -12.75 -1.08 22.38
CA ALA B 138 -13.80 -0.48 21.56
C ALA B 138 -14.45 0.68 22.33
N VAL B 139 -14.87 1.70 21.59
CA VAL B 139 -15.31 2.96 22.18
C VAL B 139 -16.80 3.19 21.87
N HIS B 140 -17.59 3.41 22.91
CA HIS B 140 -19.01 3.72 22.77
C HIS B 140 -19.20 5.24 22.78
N TYR B 141 -18.79 5.87 21.67
CA TYR B 141 -18.80 7.33 21.60
C TYR B 141 -20.22 7.89 21.49
N ALA B 142 -20.36 9.17 21.86
CA ALA B 142 -21.65 9.86 21.79
C ALA B 142 -22.17 9.94 20.36
N ARG B 143 -23.46 9.61 20.17
CA ARG B 143 -24.06 9.50 18.85
C ARG B 143 -25.04 10.62 18.57
N ALA B 144 -25.16 10.97 17.28
CA ALA B 144 -26.19 11.87 16.80
C ALA B 144 -27.51 11.12 16.62
N PRO B 145 -28.64 11.85 16.55
CA PRO B 145 -28.83 13.31 16.59
C PRO B 145 -28.79 13.88 18.00
N GLU B 146 -28.77 13.02 19.03
CA GLU B 146 -28.79 13.53 20.39
C GLU B 146 -27.55 14.38 20.66
N ALA B 147 -26.40 13.95 20.16
CA ALA B 147 -25.15 14.69 20.26
C ALA B 147 -24.62 14.94 18.86
N PRO B 148 -24.83 16.13 18.30
CA PRO B 148 -24.36 16.41 16.93
C PRO B 148 -22.85 16.47 16.84
N PHE B 149 -22.37 16.44 15.58
CA PHE B 149 -20.99 16.82 15.27
C PHE B 149 -20.56 17.99 16.14
N PRO B 150 -19.35 17.97 16.75
CA PRO B 150 -18.31 16.93 16.70
C PRO B 150 -18.25 15.98 17.90
N ALA B 151 -19.38 15.74 18.57
CA ALA B 151 -19.36 15.01 19.83
C ALA B 151 -18.69 13.64 19.70
N ALA B 152 -18.99 12.89 18.63
CA ALA B 152 -18.42 11.56 18.48
C ALA B 152 -16.90 11.62 18.42
N ILE B 153 -16.39 12.57 17.64
CA ILE B 153 -14.95 12.77 17.46
C ILE B 153 -14.29 13.07 18.80
N LEU B 154 -14.89 13.98 19.57
CA LEU B 154 -14.26 14.39 20.82
C LEU B 154 -14.24 13.23 21.83
N ASP B 155 -15.26 12.36 21.79
CA ASP B 155 -15.26 11.16 22.64
C ASP B 155 -14.18 10.18 22.18
N CYS B 156 -14.08 9.94 20.87
CA CYS B 156 -13.04 9.05 20.36
C CYS B 156 -11.65 9.55 20.71
N GLU B 157 -11.41 10.85 20.57
CA GLU B 157 -10.11 11.41 20.94
C GLU B 157 -9.85 11.23 22.44
N ALA B 158 -10.84 11.54 23.27
CA ALA B 158 -10.62 11.44 24.71
C ALA B 158 -10.31 10.01 25.12
N ALA B 159 -11.07 9.05 24.58
CA ALA B 159 -10.82 7.65 24.90
C ALA B 159 -9.42 7.22 24.45
N THR B 160 -9.00 7.62 23.25
CA THR B 160 -7.68 7.22 22.77
C THR B 160 -6.57 7.80 23.63
N ARG B 161 -6.70 9.07 24.03
CA ARG B 161 -5.70 9.67 24.90
C ARG B 161 -5.63 8.94 26.24
N TRP B 162 -6.79 8.53 26.76
CA TRP B 162 -6.82 7.84 28.05
C TRP B 162 -6.17 6.47 27.94
N ILE B 163 -6.53 5.71 26.90
CA ILE B 163 -5.90 4.40 26.65
C ILE B 163 -4.39 4.56 26.54
N ALA B 164 -3.94 5.59 25.82
CA ALA B 164 -2.52 5.81 25.59
C ALA B 164 -1.76 6.12 26.88
N SER B 165 -2.46 6.53 27.94
CA SER B 165 -1.82 6.87 29.20
C SER B 165 -1.53 5.66 30.07
N SER B 166 -1.84 4.46 29.59
CA SER B 166 -1.70 3.22 30.36
C SER B 166 -2.36 3.32 31.74
N PRO B 167 -3.66 3.54 31.78
CA PRO B 167 -4.35 3.68 33.07
C PRO B 167 -4.44 2.35 33.81
N ALA B 168 -4.44 2.43 35.14
CA ALA B 168 -4.46 1.22 35.95
C ALA B 168 -5.69 0.38 35.66
N GLU B 169 -6.82 1.03 35.39
CA GLU B 169 -8.07 0.31 35.16
C GLU B 169 -8.00 -0.61 33.95
N LEU B 170 -7.18 -0.27 32.95
CA LEU B 170 -7.04 -1.12 31.79
C LEU B 170 -6.04 -2.26 32.02
N GLY B 171 -5.04 -2.03 32.86
CA GLY B 171 -4.05 -3.05 33.17
C GLY B 171 -3.01 -3.28 32.11
N LEU B 172 -2.89 -2.40 31.13
CA LEU B 172 -1.95 -2.55 30.03
C LEU B 172 -0.85 -1.50 30.15
N THR B 173 0.34 -1.86 29.68
CA THR B 173 1.40 -0.88 29.46
C THR B 173 1.48 -0.66 27.94
N ALA B 174 0.96 0.47 27.48
CA ALA B 174 0.87 0.73 26.06
C ALA B 174 2.17 1.29 25.54
N SER B 175 2.68 0.71 24.45
CA SER B 175 3.84 1.25 23.76
C SER B 175 3.46 2.08 22.54
N GLY B 176 2.22 1.96 22.08
CA GLY B 176 1.74 2.71 20.93
C GLY B 176 0.28 2.36 20.73
N ILE B 177 -0.39 3.17 19.93
CA ILE B 177 -1.82 3.00 19.63
C ILE B 177 -1.97 2.55 18.18
N ILE B 178 -2.84 1.58 17.96
CA ILE B 178 -3.28 1.20 16.61
C ILE B 178 -4.73 1.64 16.49
N THR B 179 -5.00 2.64 15.67
CA THR B 179 -6.40 3.04 15.46
C THR B 179 -7.01 2.26 14.31
N ILE B 180 -8.30 1.95 14.43
CA ILE B 180 -8.99 1.18 13.40
C ILE B 180 -10.49 1.42 13.54
N GLY B 181 -11.19 1.43 12.42
CA GLY B 181 -12.63 1.57 12.48
C GLY B 181 -13.22 1.53 11.09
N ASP B 182 -14.51 1.22 11.04
CA ASP B 182 -15.24 1.04 9.80
C ASP B 182 -16.21 2.20 9.56
N SER B 183 -16.24 2.72 8.32
CA SER B 183 -17.24 3.70 7.88
C SER B 183 -17.07 4.98 8.70
N ALA B 184 -18.07 5.42 9.47
CA ALA B 184 -17.89 6.56 10.38
C ALA B 184 -16.72 6.32 11.32
N GLY B 185 -16.51 5.06 11.71
CA GLY B 185 -15.36 4.74 12.55
C GLY B 185 -14.04 4.94 11.84
N GLY B 186 -14.03 4.79 10.51
CA GLY B 186 -12.83 5.11 9.75
C GLY B 186 -12.60 6.60 9.62
N ASN B 187 -13.69 7.38 9.53
CA ASN B 187 -13.60 8.82 9.69
C ASN B 187 -12.98 9.18 11.03
N ALA B 188 -13.51 8.59 12.12
CA ALA B 188 -12.95 8.86 13.45
C ALA B 188 -11.50 8.46 13.53
N THR B 189 -11.13 7.32 12.92
CA THR B 189 -9.74 6.89 12.91
C THR B 189 -8.82 8.00 12.40
N VAL B 190 -9.15 8.55 11.23
CA VAL B 190 -8.27 9.54 10.63
C VAL B 190 -8.29 10.83 11.43
N VAL B 191 -9.46 11.25 11.90
CA VAL B 191 -9.56 12.49 12.68
C VAL B 191 -8.77 12.37 13.98
N VAL B 192 -8.92 11.25 14.68
CA VAL B 192 -8.16 11.07 15.92
C VAL B 192 -6.65 11.10 15.65
N GLY B 193 -6.23 10.49 14.55
CA GLY B 193 -4.82 10.52 14.21
C GLY B 193 -4.32 11.92 13.94
N GLN B 194 -5.16 12.76 13.35
CA GLN B 194 -4.77 14.16 13.09
C GLN B 194 -4.76 14.98 14.37
N LEU B 195 -5.71 14.74 15.28
CA LEU B 195 -5.73 15.47 16.54
C LEU B 195 -4.53 15.09 17.41
N LEU B 196 -4.13 13.82 17.36
CA LEU B 196 -2.97 13.39 18.13
C LEU B 196 -1.65 13.76 17.45
N ALA B 197 -1.64 13.82 16.12
CA ALA B 197 -0.43 14.30 15.45
C ALA B 197 -0.14 15.74 15.84
N ALA B 198 -1.20 16.55 15.96
CA ALA B 198 -1.04 17.97 16.30
C ALA B 198 -0.69 18.16 17.76
N SER B 199 -1.17 17.28 18.64
CA SER B 199 -0.90 17.37 20.07
C SER B 199 -0.80 15.95 20.59
N PRO B 200 0.41 15.39 20.66
CA PRO B 200 0.57 13.95 20.88
C PRO B 200 0.05 13.47 22.23
N ALA B 201 -0.42 12.22 22.23
CA ALA B 201 -0.78 11.52 23.44
C ALA B 201 0.50 10.95 24.08
N ALA B 202 0.34 10.17 25.15
CA ALA B 202 1.50 9.67 25.89
C ALA B 202 2.36 8.74 25.05
N VAL B 203 1.76 8.02 24.11
CA VAL B 203 2.49 7.20 23.14
C VAL B 203 1.96 7.55 21.76
N PRO B 204 2.72 7.28 20.70
CA PRO B 204 2.29 7.65 19.35
C PRO B 204 1.27 6.67 18.77
N VAL B 205 0.51 7.18 17.79
CA VAL B 205 -0.22 6.28 16.90
C VAL B 205 0.80 5.60 15.99
N VAL B 206 0.94 4.28 16.12
CA VAL B 206 1.92 3.55 15.32
C VAL B 206 1.35 2.94 14.06
N LEU B 207 0.01 2.96 13.90
CA LEU B 207 -0.65 2.43 12.72
C LEU B 207 -2.10 2.85 12.78
N GLN B 208 -2.64 3.28 11.64
CA GLN B 208 -4.06 3.60 11.54
C GLN B 208 -4.65 2.83 10.37
N VAL B 209 -5.83 2.27 10.58
CA VAL B 209 -6.50 1.38 9.64
C VAL B 209 -7.93 1.85 9.40
N PRO B 210 -8.13 2.91 8.61
CA PRO B 210 -9.50 3.34 8.26
C PRO B 210 -10.08 2.43 7.19
N ILE B 211 -11.23 1.80 7.50
CA ILE B 211 -11.84 0.79 6.66
C ILE B 211 -13.13 1.35 6.08
N PHE B 212 -13.28 1.26 4.74
CA PHE B 212 -14.25 2.00 3.93
C PHE B 212 -14.64 3.30 4.63
N PRO B 213 -13.68 4.20 4.85
CA PRO B 213 -13.94 5.40 5.64
C PRO B 213 -14.59 6.52 4.82
N LEU B 214 -15.23 7.43 5.56
CA LEU B 214 -15.59 8.74 5.01
C LEU B 214 -14.48 9.72 5.36
N VAL B 215 -13.71 10.16 4.35
CA VAL B 215 -12.60 11.09 4.56
C VAL B 215 -12.83 12.39 3.81
N ALA B 216 -13.11 12.31 2.52
CA ALA B 216 -13.55 13.44 1.73
C ALA B 216 -15.05 13.37 1.57
N ASP B 217 -15.68 14.54 1.42
CA ASP B 217 -17.11 14.60 1.18
C ASP B 217 -17.46 13.77 -0.05
N ALA B 218 -18.45 12.89 0.09
CA ALA B 218 -18.81 11.95 -0.96
C ALA B 218 -19.89 12.48 -1.91
N VAL B 219 -20.46 13.65 -1.63
CA VAL B 219 -21.77 14.02 -2.19
C VAL B 219 -21.76 13.96 -3.72
N SER B 220 -20.76 14.54 -4.37
CA SER B 220 -20.73 14.58 -5.84
C SER B 220 -19.68 13.65 -6.44
N SER B 221 -19.30 12.61 -5.72
CA SER B 221 -18.33 11.64 -6.23
C SER B 221 -18.95 10.72 -7.27
N GLU B 222 -18.10 10.16 -8.12
CA GLU B 222 -18.57 9.19 -9.10
C GLU B 222 -19.09 7.93 -8.43
N SER B 223 -18.43 7.47 -7.36
CA SER B 223 -18.92 6.26 -6.71
C SER B 223 -20.31 6.51 -6.11
N MET B 224 -20.56 7.72 -5.60
CA MET B 224 -21.90 8.00 -5.06
C MET B 224 -22.96 7.87 -6.15
N ALA B 225 -22.66 8.36 -7.37
CA ALA B 225 -23.62 8.23 -8.46
C ALA B 225 -23.80 6.78 -8.87
N ALA B 226 -22.72 6.00 -8.88
CA ALA B 226 -22.78 4.65 -9.43
C ALA B 226 -23.39 3.63 -8.48
N PHE B 227 -23.21 3.79 -7.17
CA PHE B 227 -23.59 2.76 -6.22
C PHE B 227 -24.59 3.25 -5.18
N SER B 228 -25.38 4.28 -5.50
CA SER B 228 -26.25 4.89 -4.51
C SER B 228 -27.47 4.03 -4.15
N GLU B 229 -27.80 3.02 -4.96
CA GLU B 229 -28.87 2.10 -4.62
C GLU B 229 -28.45 0.67 -4.97
N GLY B 230 -29.01 -0.29 -4.23
CA GLY B 230 -28.86 -1.69 -4.56
C GLY B 230 -27.66 -2.38 -3.94
N TYR B 231 -26.83 -1.60 -3.20
CA TYR B 231 -25.56 -2.10 -2.62
C TYR B 231 -25.45 -1.89 -1.09
N LEU B 232 -26.53 -2.12 -0.35
CA LEU B 232 -26.49 -2.08 1.15
C LEU B 232 -26.43 -0.62 1.66
N LEU B 233 -25.32 0.10 1.46
CA LEU B 233 -25.36 1.49 1.88
C LEU B 233 -26.02 2.29 0.78
N THR B 234 -27.13 2.96 1.09
CA THR B 234 -27.90 3.68 0.08
C THR B 234 -27.80 5.18 0.28
N ALA B 235 -28.22 5.91 -0.76
CA ALA B 235 -28.30 7.37 -0.68
C ALA B 235 -29.25 7.81 0.43
N GLU B 236 -30.36 7.09 0.62
CA GLU B 236 -31.30 7.44 1.68
C GLU B 236 -30.64 7.29 3.05
N THR B 237 -29.88 6.22 3.23
CA THR B 237 -29.19 6.04 4.50
C THR B 237 -28.14 7.12 4.73
N MET B 238 -27.37 7.45 3.69
CA MET B 238 -26.37 8.53 3.82
C MET B 238 -27.04 9.86 4.16
N ALA B 239 -28.18 10.15 3.53
CA ALA B 239 -28.90 11.39 3.82
C ALA B 239 -29.41 11.41 5.26
N PHE B 240 -29.93 10.27 5.73
CA PHE B 240 -30.38 10.13 7.11
C PHE B 240 -29.24 10.42 8.09
N PHE B 241 -28.08 9.80 7.88
CA PHE B 241 -26.93 10.07 8.74
C PHE B 241 -26.53 11.55 8.69
N ASP B 242 -26.50 12.12 7.49
CA ASP B 242 -26.03 13.49 7.34
C ASP B 242 -26.94 14.47 8.06
N ALA B 243 -28.25 14.27 7.98
CA ALA B 243 -29.18 15.21 8.61
C ALA B 243 -29.19 15.07 10.12
N ALA B 244 -28.67 13.97 10.68
CA ALA B 244 -28.58 13.78 12.11
C ALA B 244 -27.26 14.30 12.68
N TYR B 245 -26.15 13.95 12.03
CA TYR B 245 -24.82 14.32 12.52
C TYR B 245 -24.46 15.76 12.18
N GLY B 246 -24.71 16.18 10.94
CA GLY B 246 -24.49 17.56 10.52
C GLY B 246 -23.05 18.02 10.60
N ALA B 247 -22.14 17.27 9.97
CA ALA B 247 -20.74 17.65 9.98
C ALA B 247 -20.51 18.95 9.20
N ASP B 248 -19.64 19.79 9.73
CA ASP B 248 -19.24 21.05 9.08
C ASP B 248 -18.30 20.72 7.91
N ARG B 249 -18.72 21.10 6.69
CA ARG B 249 -17.97 20.78 5.49
C ARG B 249 -16.61 21.47 5.42
N SER B 250 -16.40 22.51 6.23
CA SER B 250 -15.14 23.23 6.25
C SER B 250 -14.22 22.79 7.37
N ASP B 251 -14.63 21.82 8.18
CA ASP B 251 -13.93 21.44 9.40
C ASP B 251 -13.19 20.13 9.15
N PRO B 252 -11.87 20.07 9.32
CA PRO B 252 -11.16 18.80 9.13
C PRO B 252 -11.59 17.72 10.10
N ARG B 253 -12.26 18.08 11.20
CA ARG B 253 -12.81 17.05 12.08
C ARG B 253 -14.08 16.42 11.52
N GLY B 254 -14.70 17.06 10.53
CA GLY B 254 -15.79 16.46 9.79
C GLY B 254 -15.28 15.72 8.57
N PHE B 255 -14.33 16.35 7.85
CA PHE B 255 -13.83 15.82 6.58
C PHE B 255 -12.31 15.91 6.62
N PRO B 256 -11.63 14.88 7.16
CA PRO B 256 -10.18 14.98 7.40
C PRO B 256 -9.34 15.00 6.14
N ILE B 257 -9.94 14.86 4.95
CA ILE B 257 -9.18 15.15 3.74
C ILE B 257 -8.62 16.57 3.79
N LEU B 258 -9.26 17.45 4.56
CA LEU B 258 -8.85 18.84 4.72
C LEU B 258 -7.73 19.02 5.73
N GLY B 259 -7.35 17.97 6.46
CA GLY B 259 -6.38 18.08 7.52
C GLY B 259 -4.96 17.95 7.03
N ARG B 260 -4.03 17.97 7.99
CA ARG B 260 -2.61 17.85 7.68
C ARG B 260 -2.25 16.39 7.41
N HIS B 261 -1.52 16.14 6.32
CA HIS B 261 -1.17 14.78 5.95
C HIS B 261 0.32 14.47 6.00
N ASP B 262 1.19 15.49 6.04
CA ASP B 262 2.63 15.26 5.93
C ASP B 262 3.24 14.60 7.15
N ASN B 263 2.51 14.50 8.26
CA ASN B 263 2.97 13.77 9.44
C ASN B 263 2.04 12.63 9.81
N ALA B 264 1.29 12.12 8.84
CA ALA B 264 0.31 11.08 9.12
C ALA B 264 1.01 9.81 9.60
N PRO B 265 0.37 9.03 10.47
CA PRO B 265 0.96 7.75 10.92
C PRO B 265 1.01 6.75 9.78
N PRO B 266 1.75 5.65 9.95
CA PRO B 266 1.65 4.54 8.98
C PRO B 266 0.20 4.13 8.80
N THR B 267 -0.19 3.91 7.53
CA THR B 267 -1.60 3.80 7.19
C THR B 267 -1.89 2.60 6.29
N ILE B 268 -2.99 1.92 6.57
CA ILE B 268 -3.63 0.98 5.66
C ILE B 268 -5.03 1.52 5.37
N VAL B 269 -5.30 1.90 4.13
CA VAL B 269 -6.62 2.35 3.70
C VAL B 269 -7.33 1.17 3.03
N VAL B 270 -8.53 0.84 3.49
CA VAL B 270 -9.29 -0.26 2.92
C VAL B 270 -10.58 0.30 2.33
N THR B 271 -10.85 -0.02 1.07
CA THR B 271 -12.12 0.36 0.44
C THR B 271 -12.79 -0.90 -0.10
N ALA B 272 -14.04 -0.73 -0.54
CA ALA B 272 -14.81 -1.78 -1.20
C ALA B 272 -15.22 -1.30 -2.57
N SER B 273 -15.15 -2.18 -3.57
CA SER B 273 -15.33 -1.70 -4.94
C SER B 273 -16.79 -1.34 -5.25
N LEU B 274 -17.76 -1.87 -4.50
CA LEU B 274 -19.17 -1.59 -4.75
C LEU B 274 -19.74 -0.59 -3.75
N ASP B 275 -18.93 0.32 -3.27
CA ASP B 275 -19.28 1.19 -2.16
C ASP B 275 -19.54 2.60 -2.68
N PRO B 276 -20.69 3.21 -2.37
CA PRO B 276 -20.92 4.60 -2.82
C PRO B 276 -19.91 5.60 -2.28
N ILE B 277 -19.28 5.33 -1.14
CA ILE B 277 -18.25 6.24 -0.63
C ILE B 277 -16.83 5.69 -0.87
N ARG B 278 -16.70 4.72 -1.79
CA ARG B 278 -15.39 4.22 -2.19
C ARG B 278 -14.41 5.33 -2.56
N ASP B 279 -14.88 6.34 -3.30
CA ASP B 279 -13.96 7.38 -3.76
C ASP B 279 -13.44 8.24 -2.62
N SER B 280 -14.16 8.27 -1.50
CA SER B 280 -13.71 9.04 -0.34
C SER B 280 -12.46 8.42 0.27
N GLY B 281 -12.43 7.09 0.34
CA GLY B 281 -11.24 6.42 0.86
C GLY B 281 -10.10 6.44 -0.14
N ARG B 282 -10.41 6.26 -1.42
CA ARG B 282 -9.39 6.40 -2.47
C ARG B 282 -8.73 7.77 -2.39
N ALA B 283 -9.52 8.82 -2.14
CA ALA B 283 -8.97 10.18 -2.08
C ALA B 283 -7.97 10.31 -0.95
N TYR B 284 -8.24 9.67 0.19
CA TYR B 284 -7.31 9.76 1.31
C TYR B 284 -5.98 9.07 0.99
N ALA B 285 -6.04 7.88 0.41
CA ALA B 285 -4.79 7.22 0.01
C ALA B 285 -3.99 8.09 -0.95
N LYS B 286 -4.69 8.73 -1.90
CA LYS B 286 -3.97 9.63 -2.82
C LYS B 286 -3.38 10.83 -2.08
N ALA B 287 -4.08 11.35 -1.07
CA ALA B 287 -3.55 12.48 -0.30
C ALA B 287 -2.30 12.09 0.47
N LEU B 288 -2.25 10.86 0.97
CA LEU B 288 -1.06 10.42 1.69
C LEU B 288 0.14 10.30 0.75
N ILE B 289 -0.10 9.77 -0.45
CA ILE B 289 0.97 9.69 -1.45
C ILE B 289 1.47 11.07 -1.81
N ASP B 290 0.54 12.02 -1.98
CA ASP B 290 0.89 13.40 -2.28
C ASP B 290 1.74 14.02 -1.18
N ALA B 291 1.59 13.54 0.05
CA ALA B 291 2.38 14.01 1.18
C ALA B 291 3.63 13.17 1.42
N GLY B 292 3.90 12.18 0.58
CA GLY B 292 5.07 11.34 0.74
C GLY B 292 5.00 10.35 1.89
N ARG B 293 3.80 9.90 2.27
CA ARG B 293 3.62 9.05 3.43
C ARG B 293 3.23 7.64 3.00
N ASP B 294 3.90 6.63 3.57
CA ASP B 294 3.60 5.23 3.24
C ASP B 294 2.12 4.95 3.41
N CYS B 295 1.58 4.13 2.50
CA CYS B 295 0.18 3.76 2.59
C CYS B 295 -0.02 2.43 1.89
N VAL B 296 -0.64 1.48 2.58
CA VAL B 296 -1.12 0.26 1.93
C VAL B 296 -2.56 0.54 1.50
N PHE B 297 -2.83 0.47 0.21
CA PHE B 297 -4.18 0.63 -0.31
C PHE B 297 -4.72 -0.72 -0.73
N LEU B 298 -5.80 -1.16 -0.08
CA LEU B 298 -6.48 -2.39 -0.42
C LEU B 298 -7.92 -2.04 -0.79
N GLU B 299 -8.32 -2.33 -2.02
CA GLU B 299 -9.73 -2.23 -2.42
C GLU B 299 -10.24 -3.64 -2.65
N MET B 300 -11.17 -4.07 -1.82
CA MET B 300 -11.74 -5.41 -1.91
C MET B 300 -12.71 -5.45 -3.09
N ARG B 301 -12.46 -6.36 -4.03
CA ARG B 301 -13.16 -6.34 -5.31
C ARG B 301 -14.37 -7.26 -5.27
N GLY B 302 -15.53 -6.72 -5.65
CA GLY B 302 -16.75 -7.50 -5.72
C GLY B 302 -17.57 -7.55 -4.45
N VAL B 303 -17.27 -6.68 -3.46
CA VAL B 303 -18.01 -6.63 -2.22
C VAL B 303 -18.41 -5.19 -1.93
N THR B 304 -19.36 -5.05 -1.01
CA THR B 304 -19.99 -3.78 -0.67
C THR B 304 -19.36 -3.17 0.58
N HIS B 305 -19.79 -1.94 0.86
CA HIS B 305 -19.68 -1.37 2.20
C HIS B 305 -20.13 -2.39 3.24
N SER B 306 -19.53 -2.31 4.43
CA SER B 306 -19.86 -3.13 5.60
C SER B 306 -19.35 -4.55 5.50
N PHE B 307 -18.46 -4.87 4.53
CA PHE B 307 -18.13 -6.27 4.30
C PHE B 307 -17.45 -6.92 5.51
N THR B 308 -16.82 -6.11 6.37
CA THR B 308 -16.17 -6.67 7.55
C THR B 308 -17.16 -7.32 8.50
N ASN B 309 -18.45 -7.01 8.41
CA ASN B 309 -19.44 -7.58 9.33
C ASN B 309 -20.40 -8.52 8.61
N LEU B 310 -20.03 -9.03 7.44
CA LEU B 310 -20.84 -9.95 6.66
C LEU B 310 -20.22 -11.34 6.55
N ARG B 311 -19.31 -11.68 7.47
CA ARG B 311 -18.44 -12.88 7.28
C ARG B 311 -19.13 -14.24 7.36
N GLN B 312 -20.35 -14.29 7.87
CA GLN B 312 -21.06 -15.56 7.87
C GLN B 312 -21.87 -15.75 6.59
N MET B 313 -22.66 -14.74 6.22
CA MET B 313 -23.54 -14.89 5.05
C MET B 313 -22.83 -14.60 3.74
N VAL B 314 -21.72 -13.88 3.76
CA VAL B 314 -20.87 -13.68 2.58
C VAL B 314 -19.50 -14.23 2.95
N PRO B 315 -19.30 -15.55 2.90
CA PRO B 315 -18.10 -16.14 3.54
C PRO B 315 -16.78 -15.66 2.96
N SER B 316 -16.76 -15.17 1.72
CA SER B 316 -15.51 -14.68 1.15
C SER B 316 -14.98 -13.44 1.87
N THR B 317 -15.82 -12.73 2.64
CA THR B 317 -15.32 -11.54 3.33
C THR B 317 -14.45 -11.88 4.52
N GLN B 318 -14.50 -13.11 5.03
CA GLN B 318 -13.53 -13.50 6.05
C GLN B 318 -12.12 -13.44 5.51
N ALA B 319 -11.92 -13.90 4.27
CA ALA B 319 -10.61 -13.83 3.64
C ALA B 319 -10.18 -12.38 3.39
N ASP B 320 -11.13 -11.50 3.03
CA ASP B 320 -10.80 -10.08 2.91
C ASP B 320 -10.27 -9.52 4.24
N LEU B 321 -10.95 -9.82 5.35
CA LEU B 321 -10.50 -9.34 6.64
C LEU B 321 -9.11 -9.88 6.97
N GLU B 322 -8.85 -11.15 6.65
CA GLU B 322 -7.53 -11.72 6.96
C GLU B 322 -6.43 -11.06 6.15
N ARG B 323 -6.73 -10.56 4.95
CA ARG B 323 -5.74 -9.77 4.21
C ARG B 323 -5.42 -8.47 4.94
N VAL B 324 -6.44 -7.83 5.50
CA VAL B 324 -6.19 -6.60 6.27
C VAL B 324 -5.33 -6.91 7.49
N ILE B 325 -5.64 -8.00 8.18
CA ILE B 325 -4.86 -8.40 9.35
C ILE B 325 -3.40 -8.60 8.96
N ALA B 326 -3.17 -9.30 7.85
CA ALA B 326 -1.78 -9.54 7.41
C ALA B 326 -1.08 -8.22 7.07
N ALA B 327 -1.80 -7.29 6.46
CA ALA B 327 -1.23 -5.97 6.18
C ALA B 327 -0.85 -5.25 7.48
N MET B 328 -1.71 -5.35 8.50
CA MET B 328 -1.38 -4.73 9.78
C MET B 328 -0.13 -5.34 10.39
N GLN B 329 -0.03 -6.67 10.37
CA GLN B 329 1.16 -7.32 10.92
C GLN B 329 2.41 -6.95 10.15
N PHE B 330 2.31 -6.84 8.82
CA PHE B 330 3.47 -6.42 8.03
C PHE B 330 3.92 -5.02 8.42
N MET B 331 2.98 -4.07 8.50
CA MET B 331 3.37 -2.69 8.81
C MET B 331 3.97 -2.59 10.20
N LEU B 332 3.39 -3.29 11.18
CA LEU B 332 3.89 -3.18 12.54
C LEU B 332 5.28 -3.78 12.68
N ALA B 333 5.55 -4.87 11.95
CA ALA B 333 6.85 -5.52 12.03
C ALA B 333 7.93 -4.79 11.24
N ASN B 334 7.56 -3.88 10.35
CA ASN B 334 8.52 -3.26 9.42
C ASN B 334 8.34 -1.75 9.36
N PRO B 335 8.51 -1.06 10.50
CA PRO B 335 8.30 0.39 10.51
C PRO B 335 9.40 1.14 9.77
N ALA B 336 9.04 2.33 9.29
CA ALA B 336 9.97 3.16 8.52
C ALA B 336 11.25 3.50 9.30
O1 MES C . 15.80 7.21 -14.88
C2 MES C . 16.07 6.06 -15.66
C3 MES C . 16.99 5.06 -14.96
N4 MES C . 18.01 5.62 -14.06
C5 MES C . 17.76 6.93 -13.48
C6 MES C . 17.02 7.80 -14.49
C7 MES C . 18.88 4.66 -13.37
C8 MES C . 20.37 4.98 -13.50
S MES C . 21.07 5.95 -12.35
O1S MES C . 21.43 5.21 -11.11
O2S MES C . 20.17 7.05 -11.98
O3S MES C . 22.32 6.47 -12.97
O1 MES D . -21.07 6.63 6.19
C2 MES D . -21.28 6.64 7.58
C3 MES D . -20.68 5.43 8.32
N4 MES D . -20.94 4.15 7.67
C5 MES D . -21.86 4.30 6.56
C6 MES D . -21.45 5.39 5.59
C7 MES D . -21.43 3.24 8.71
C8 MES D . -21.64 1.78 8.30
S MES D . -23.16 1.35 7.79
O1S MES D . -23.39 1.88 6.43
O2S MES D . -24.25 1.79 8.70
O3S MES D . -23.21 -0.13 7.70
#